data_6NKE
#
_entry.id   6NKE
#
_cell.length_a   73.761
_cell.length_b   73.761
_cell.length_c   122.600
_cell.angle_alpha   90.00
_cell.angle_beta   90.00
_cell.angle_gamma   90.00
#
_symmetry.space_group_name_H-M   'P 41 21 2'
#
loop_
_entity.id
_entity.type
_entity.pdbx_description
1 polymer 'Geranylgeranylglyceryl phosphate synthase'
2 non-polymer GLYCEROL
3 non-polymer 'SULFATE ION'
4 non-polymer IMIDAZOLE
5 water water
#
_entity_poly.entity_id   1
_entity_poly.type   'polypeptide(L)'
_entity_poly.pdbx_seq_one_letter_code
;MTILKQMMRKLKNEKIHMTLIDPAAKSPDESAKIAKEAEMAGTDFIMVGGSTDIDERLMDQTVSAIKENTNLKVILFPGS
SNMISRHADAIFFMSLLNSSDREFIVGHQVKASKFLSLLGIEKIPMAYLVFSPGMTVGRVGKANLIDSFDRETALSYSLA
AQYMGFKLIYFEAGSGAPRPVSEDTISYVKSKINIPLIVGGGIRDPETAMRIALAGADMIVTGSIAEKSNNVYSVLRNII
GKIKSIEIKNSV
;
_entity_poly.pdbx_strand_id   A
#
# COMPACT_ATOMS: atom_id res chain seq x y z
N MET A 1 2.43 -6.56 -19.51
CA MET A 1 1.15 -7.26 -19.60
C MET A 1 0.33 -7.04 -18.32
N THR A 2 1.01 -7.02 -17.17
CA THR A 2 0.33 -6.97 -15.88
C THR A 2 0.88 -5.84 -15.03
N ILE A 3 0.10 -5.45 -14.02
CA ILE A 3 0.52 -4.42 -13.09
C ILE A 3 1.78 -4.85 -12.34
N LEU A 4 1.85 -6.12 -11.95
CA LEU A 4 3.05 -6.60 -11.27
C LEU A 4 4.28 -6.50 -12.18
N LYS A 5 4.12 -6.89 -13.45
CA LYS A 5 5.24 -6.78 -14.38
C LYS A 5 5.60 -5.32 -14.62
N GLN A 6 4.61 -4.43 -14.69
CA GLN A 6 4.89 -3.00 -14.80
C GLN A 6 5.70 -2.51 -13.61
N MET A 7 5.33 -2.94 -12.41
CA MET A 7 6.07 -2.55 -11.20
C MET A 7 7.51 -3.03 -11.27
N MET A 8 7.71 -4.31 -11.61
CA MET A 8 9.07 -4.85 -11.64
C MET A 8 9.92 -4.12 -12.66
N ARG A 9 9.34 -3.81 -13.83
CA ARG A 9 10.10 -3.08 -14.84
C ARG A 9 10.42 -1.67 -14.38
N LYS A 10 9.47 -1.01 -13.71
CA LYS A 10 9.73 0.36 -13.23
C LYS A 10 10.80 0.38 -12.14
N LEU A 11 10.85 -0.64 -11.29
CA LEU A 11 11.81 -0.63 -10.19
C LEU A 11 13.25 -0.68 -10.66
N LYS A 12 13.50 -1.09 -11.91
CA LYS A 12 14.86 -1.07 -12.44
C LYS A 12 15.38 0.35 -12.60
N ASN A 13 14.49 1.34 -12.74
CA ASN A 13 14.87 2.72 -13.01
C ASN A 13 14.61 3.67 -11.86
N GLU A 14 13.58 3.45 -11.05
CA GLU A 14 13.20 4.47 -10.08
C GLU A 14 12.42 3.85 -8.94
N LYS A 15 12.41 4.57 -7.82
CA LYS A 15 11.50 4.26 -6.73
C LYS A 15 10.07 4.49 -7.18
N ILE A 16 9.13 3.75 -6.56
CA ILE A 16 7.71 3.84 -6.91
C ILE A 16 6.98 4.60 -5.80
N HIS A 17 6.02 5.43 -6.19
CA HIS A 17 5.09 6.03 -5.25
C HIS A 17 3.67 5.60 -5.62
N MET A 18 2.87 5.28 -4.60
CA MET A 18 1.47 5.00 -4.79
C MET A 18 0.66 5.85 -3.82
N THR A 19 -0.50 6.33 -4.28
CA THR A 19 -1.38 7.19 -3.50
C THR A 19 -2.58 6.37 -3.04
N LEU A 20 -2.74 6.25 -1.73
CA LEU A 20 -3.84 5.49 -1.13
C LEU A 20 -5.01 6.42 -0.85
N ILE A 21 -6.18 6.10 -1.39
CA ILE A 21 -7.40 6.84 -1.19
C ILE A 21 -8.35 5.99 -0.37
N ASP A 22 -8.81 6.53 0.76
CA ASP A 22 -9.76 5.84 1.61
C ASP A 22 -11.16 6.18 1.11
N PRO A 23 -11.92 5.23 0.58
CA PRO A 23 -13.26 5.56 0.06
C PRO A 23 -14.24 6.03 1.11
N ALA A 24 -13.98 5.75 2.39
CA ALA A 24 -14.85 6.21 3.46
C ALA A 24 -14.58 7.65 3.85
N ALA A 25 -13.48 8.25 3.40
CA ALA A 25 -13.06 9.55 3.90
C ALA A 25 -13.69 10.69 3.13
N LYS A 26 -13.87 10.54 1.82
CA LYS A 26 -14.42 11.59 0.98
C LYS A 26 -15.43 10.99 0.01
N SER A 27 -16.17 11.86 -0.67
CA SER A 27 -17.12 11.41 -1.67
C SER A 27 -16.38 10.83 -2.87
N PRO A 28 -17.05 9.97 -3.64
CA PRO A 28 -16.44 9.46 -4.88
C PRO A 28 -15.90 10.55 -5.79
N ASP A 29 -16.65 11.65 -5.96
CA ASP A 29 -16.17 12.73 -6.83
C ASP A 29 -14.93 13.40 -6.25
N GLU A 30 -14.90 13.60 -4.94
CA GLU A 30 -13.72 14.17 -4.31
C GLU A 30 -12.53 13.21 -4.43
N SER A 31 -12.79 11.92 -4.25
CA SER A 31 -11.74 10.92 -4.44
C SER A 31 -11.17 11.00 -5.85
N ALA A 32 -12.04 11.18 -6.86
CA ALA A 32 -11.57 11.25 -8.23
C ALA A 32 -10.75 12.51 -8.48
N LYS A 33 -11.16 13.64 -7.91
CA LYS A 33 -10.36 14.86 -8.00
C LYS A 33 -8.98 14.65 -7.39
N ILE A 34 -8.94 14.03 -6.21
CA ILE A 34 -7.67 13.72 -5.55
C ILE A 34 -6.81 12.84 -6.46
N ALA A 35 -7.43 11.82 -7.07
CA ALA A 35 -6.67 10.91 -7.92
C ALA A 35 -6.07 11.64 -9.11
N LYS A 36 -6.83 12.56 -9.71
CA LYS A 36 -6.30 13.31 -10.85
C LYS A 36 -5.12 14.19 -10.45
N GLU A 37 -5.25 14.87 -9.30
CA GLU A 37 -4.13 15.68 -8.83
C GLU A 37 -2.91 14.82 -8.54
N ALA A 38 -3.12 13.62 -7.98
CA ALA A 38 -1.99 12.74 -7.69
C ALA A 38 -1.35 12.24 -8.98
N GLU A 39 -2.16 11.94 -10.00
CA GLU A 39 -1.63 11.57 -11.30
C GLU A 39 -0.73 12.65 -11.86
N MET A 40 -1.20 13.91 -11.81
CA MET A 40 -0.36 15.01 -12.28
C MET A 40 0.90 15.15 -11.45
N ALA A 41 0.80 14.90 -10.14
CA ALA A 41 1.97 14.95 -9.29
C ALA A 41 2.99 13.87 -9.61
N GLY A 42 2.57 12.83 -10.35
CA GLY A 42 3.48 11.80 -10.80
C GLY A 42 3.34 10.45 -10.11
N THR A 43 2.26 10.21 -9.38
CA THR A 43 2.12 8.94 -8.70
C THR A 43 1.97 7.81 -9.71
N ASP A 44 2.40 6.62 -9.31
CA ASP A 44 2.48 5.50 -10.24
C ASP A 44 1.19 4.69 -10.28
N PHE A 45 0.53 4.54 -9.15
CA PHE A 45 -0.72 3.80 -9.06
C PHE A 45 -1.60 4.44 -7.99
N ILE A 46 -2.91 4.28 -8.16
CA ILE A 46 -3.87 4.63 -7.12
C ILE A 46 -4.21 3.35 -6.36
N MET A 47 -4.07 3.40 -5.05
CA MET A 47 -4.58 2.34 -4.18
C MET A 47 -5.88 2.82 -3.54
N VAL A 48 -6.84 1.91 -3.38
CA VAL A 48 -8.12 2.24 -2.78
C VAL A 48 -8.39 1.27 -1.65
N GLY A 49 -8.61 1.79 -0.45
CA GLY A 49 -8.87 0.95 0.70
C GLY A 49 -8.66 1.71 1.99
N GLY A 50 -9.06 1.08 3.08
CA GLY A 50 -8.90 1.68 4.38
C GLY A 50 -9.23 0.70 5.48
N SER A 51 -9.38 1.24 6.69
CA SER A 51 -9.78 0.45 7.85
C SER A 51 -11.27 0.50 8.13
N THR A 52 -11.96 1.54 7.64
CA THR A 52 -13.39 1.70 7.86
C THR A 52 -14.17 0.87 6.85
N ASP A 53 -14.93 -0.10 7.34
CA ASP A 53 -15.68 -0.99 6.45
C ASP A 53 -16.87 -0.27 5.83
N ILE A 54 -17.05 -0.46 4.53
CA ILE A 54 -18.07 0.23 3.74
C ILE A 54 -18.73 -0.78 2.81
N ASP A 55 -19.84 -0.34 2.21
CA ASP A 55 -20.59 -1.21 1.31
C ASP A 55 -19.92 -1.28 -0.06
N GLU A 56 -20.23 -2.36 -0.79
CA GLU A 56 -19.64 -2.53 -2.11
C GLU A 56 -20.12 -1.46 -3.08
N ARG A 57 -21.31 -0.89 -2.85
CA ARG A 57 -21.78 0.17 -3.74
C ARG A 57 -20.89 1.39 -3.66
N LEU A 58 -20.48 1.77 -2.44
CA LEU A 58 -19.57 2.90 -2.29
C LEU A 58 -18.20 2.59 -2.88
N MET A 59 -17.70 1.36 -2.65
CA MET A 59 -16.44 0.96 -3.26
CA MET A 59 -16.45 0.94 -3.26
C MET A 59 -16.52 1.08 -4.78
N ASP A 60 -17.61 0.59 -5.37
CA ASP A 60 -17.82 0.66 -6.81
C ASP A 60 -17.82 2.11 -7.28
N GLN A 61 -18.59 2.97 -6.61
CA GLN A 61 -18.67 4.36 -7.02
C GLN A 61 -17.30 5.04 -6.97
N THR A 62 -16.54 4.78 -5.90
CA THR A 62 -15.23 5.39 -5.76
C THR A 62 -14.28 4.94 -6.86
N VAL A 63 -14.18 3.62 -7.07
CA VAL A 63 -13.27 3.10 -8.08
C VAL A 63 -13.68 3.58 -9.46
N SER A 64 -14.99 3.61 -9.75
CA SER A 64 -15.47 4.04 -11.05
C SER A 64 -15.15 5.51 -11.30
N ALA A 65 -15.37 6.36 -10.30
CA ALA A 65 -15.06 7.78 -10.45
C ALA A 65 -13.57 7.98 -10.70
N ILE A 66 -12.73 7.29 -9.93
CA ILE A 66 -11.29 7.41 -10.12
C ILE A 66 -10.90 6.99 -11.53
N LYS A 67 -11.40 5.83 -11.98
CA LYS A 67 -11.01 5.36 -13.31
C LYS A 67 -11.55 6.26 -14.41
N GLU A 68 -12.69 6.91 -14.18
CA GLU A 68 -13.21 7.85 -15.18
C GLU A 68 -12.39 9.13 -15.22
N ASN A 69 -11.75 9.50 -14.11
CA ASN A 69 -11.06 10.78 -14.05
C ASN A 69 -9.54 10.68 -14.22
N THR A 70 -8.98 9.47 -14.33
CA THR A 70 -7.54 9.32 -14.51
CA THR A 70 -7.54 9.29 -14.46
C THR A 70 -7.26 8.22 -15.51
N ASN A 71 -5.99 8.10 -15.88
CA ASN A 71 -5.49 7.00 -16.70
C ASN A 71 -4.67 6.03 -15.88
N LEU A 72 -4.72 6.13 -14.55
CA LEU A 72 -3.94 5.27 -13.69
C LEU A 72 -4.69 3.98 -13.43
N LYS A 73 -3.94 2.93 -13.15
CA LYS A 73 -4.53 1.68 -12.68
C LYS A 73 -4.90 1.81 -11.21
N VAL A 74 -5.97 1.13 -10.82
CA VAL A 74 -6.47 1.17 -9.45
C VAL A 74 -6.26 -0.20 -8.82
N ILE A 75 -5.61 -0.22 -7.66
CA ILE A 75 -5.29 -1.45 -6.94
C ILE A 75 -6.04 -1.42 -5.61
N LEU A 76 -6.77 -2.49 -5.33
CA LEU A 76 -7.47 -2.59 -4.06
C LEU A 76 -6.51 -2.94 -2.95
N PHE A 77 -6.67 -2.29 -1.80
CA PHE A 77 -5.84 -2.45 -0.61
C PHE A 77 -6.76 -2.90 0.51
N PRO A 78 -7.13 -4.18 0.54
CA PRO A 78 -8.15 -4.64 1.50
C PRO A 78 -7.70 -4.59 2.95
N GLY A 79 -6.41 -4.68 3.24
CA GLY A 79 -5.97 -4.67 4.63
C GLY A 79 -6.49 -5.88 5.37
N SER A 80 -7.22 -5.64 6.46
CA SER A 80 -7.79 -6.72 7.25
C SER A 80 -9.21 -7.07 6.84
N SER A 81 -9.76 -6.41 5.82
CA SER A 81 -11.15 -6.60 5.43
C SER A 81 -11.23 -7.45 4.16
N ASN A 82 -12.46 -7.80 3.81
CA ASN A 82 -12.77 -8.47 2.54
C ASN A 82 -13.45 -7.52 1.55
N MET A 83 -13.07 -6.25 1.56
CA MET A 83 -13.56 -5.29 0.56
C MET A 83 -13.12 -5.74 -0.82
N ILE A 84 -14.04 -5.61 -1.79
CA ILE A 84 -13.75 -5.82 -3.20
C ILE A 84 -14.61 -4.85 -3.99
N SER A 85 -14.10 -4.42 -5.15
CA SER A 85 -14.92 -3.89 -6.24
C SER A 85 -14.47 -4.53 -7.55
N ARG A 86 -15.41 -5.05 -8.33
CA ARG A 86 -15.08 -5.67 -9.61
C ARG A 86 -14.55 -4.66 -10.63
N HIS A 87 -14.65 -3.36 -10.36
CA HIS A 87 -14.16 -2.35 -11.28
C HIS A 87 -12.67 -2.05 -11.14
N ALA A 88 -12.03 -2.53 -10.08
CA ALA A 88 -10.61 -2.27 -9.91
C ALA A 88 -9.79 -3.11 -10.90
N ASP A 89 -8.59 -2.61 -11.19
CA ASP A 89 -7.69 -3.31 -12.10
C ASP A 89 -6.96 -4.46 -11.42
N ALA A 90 -6.61 -4.31 -10.15
CA ALA A 90 -5.88 -5.33 -9.42
C ALA A 90 -6.27 -5.28 -7.96
N ILE A 91 -5.91 -6.34 -7.24
CA ILE A 91 -6.09 -6.38 -5.80
C ILE A 91 -4.82 -6.94 -5.18
N PHE A 92 -4.33 -6.27 -4.15
CA PHE A 92 -3.29 -6.85 -3.31
C PHE A 92 -3.94 -7.96 -2.50
N PHE A 93 -3.58 -9.21 -2.79
CA PHE A 93 -4.11 -10.34 -2.03
C PHE A 93 -3.25 -10.44 -0.77
N MET A 94 -3.73 -9.85 0.31
CA MET A 94 -2.90 -9.56 1.47
C MET A 94 -3.13 -10.57 2.59
N SER A 95 -2.03 -11.07 3.16
CA SER A 95 -2.06 -11.94 4.32
C SER A 95 -1.33 -11.24 5.46
N LEU A 96 -2.03 -11.02 6.57
CA LEU A 96 -1.43 -10.33 7.72
C LEU A 96 -0.69 -11.38 8.53
N LEU A 97 0.59 -11.57 8.19
CA LEU A 97 1.32 -12.75 8.65
C LEU A 97 1.54 -12.74 10.16
N ASN A 98 1.73 -11.57 10.77
CA ASN A 98 2.00 -11.51 12.20
C ASN A 98 0.74 -11.30 13.02
N SER A 99 -0.43 -11.61 12.48
CA SER A 99 -1.65 -11.63 13.27
C SER A 99 -1.64 -12.81 14.22
N SER A 100 -2.28 -12.64 15.38
CA SER A 100 -2.50 -13.75 16.29
C SER A 100 -3.69 -14.63 15.89
N ASP A 101 -4.51 -14.15 14.96
CA ASP A 101 -5.75 -14.81 14.59
C ASP A 101 -5.62 -15.31 13.16
N ARG A 102 -5.77 -16.63 12.98
CA ARG A 102 -5.73 -17.23 11.65
C ARG A 102 -6.73 -16.58 10.70
N GLU A 103 -7.78 -15.94 11.22
CA GLU A 103 -8.79 -15.35 10.35
C GLU A 103 -8.19 -14.29 9.44
N PHE A 104 -7.15 -13.58 9.90
CA PHE A 104 -6.49 -12.55 9.10
C PHE A 104 -5.25 -13.06 8.37
N ILE A 105 -4.84 -14.29 8.62
CA ILE A 105 -3.77 -14.91 7.84
C ILE A 105 -4.33 -15.63 6.63
N VAL A 106 -5.35 -16.48 6.84
CA VAL A 106 -5.94 -17.26 5.77
C VAL A 106 -7.46 -17.22 5.76
N GLY A 107 -8.13 -16.81 6.84
CA GLY A 107 -9.58 -16.89 6.91
C GLY A 107 -10.33 -16.12 5.83
N HIS A 108 -10.20 -14.78 5.87
CA HIS A 108 -10.95 -14.06 4.85
CA HIS A 108 -10.83 -13.91 4.86
C HIS A 108 -10.38 -14.27 3.46
N GLN A 109 -9.11 -14.66 3.33
CA GLN A 109 -8.54 -14.99 2.02
C GLN A 109 -9.26 -16.20 1.41
N VAL A 110 -9.44 -17.25 2.21
CA VAL A 110 -10.16 -18.43 1.74
C VAL A 110 -11.61 -18.09 1.45
N LYS A 111 -12.22 -17.22 2.26
CA LYS A 111 -13.61 -16.88 1.96
C LYS A 111 -13.76 -16.07 0.68
N ALA A 112 -12.73 -15.30 0.29
CA ALA A 112 -12.85 -14.43 -0.88
C ALA A 112 -12.36 -15.05 -2.18
N SER A 113 -11.59 -16.15 -2.12
CA SER A 113 -10.84 -16.63 -3.28
CA SER A 113 -10.85 -16.61 -3.28
C SER A 113 -11.76 -17.04 -4.43
N LYS A 114 -12.88 -17.72 -4.15
CA LYS A 114 -13.73 -18.20 -5.24
C LYS A 114 -14.34 -17.04 -6.03
N PHE A 115 -14.97 -16.11 -5.31
CA PHE A 115 -15.47 -14.90 -5.94
C PHE A 115 -14.39 -14.22 -6.77
N LEU A 116 -13.19 -14.05 -6.18
CA LEU A 116 -12.11 -13.41 -6.92
C LEU A 116 -11.76 -14.18 -8.18
N SER A 117 -11.82 -15.52 -8.13
CA SER A 117 -11.53 -16.32 -9.31
C SER A 117 -12.55 -16.08 -10.42
N LEU A 118 -13.73 -15.61 -10.06
CA LEU A 118 -14.70 -15.28 -11.11
C LEU A 118 -14.44 -13.94 -11.80
N LEU A 119 -13.48 -13.16 -11.35
CA LEU A 119 -13.24 -11.81 -11.86
C LEU A 119 -11.95 -11.75 -12.67
N GLY A 120 -11.92 -10.81 -13.63
CA GLY A 120 -10.71 -10.56 -14.39
C GLY A 120 -9.64 -9.80 -13.63
N ILE A 121 -9.97 -9.33 -12.43
CA ILE A 121 -9.04 -8.55 -11.62
C ILE A 121 -7.74 -9.33 -11.41
N GLU A 122 -6.63 -8.60 -11.42
CA GLU A 122 -5.31 -9.18 -11.21
C GLU A 122 -5.06 -9.37 -9.72
N LYS A 123 -4.61 -10.57 -9.34
CA LYS A 123 -4.33 -10.90 -7.95
C LYS A 123 -2.82 -10.82 -7.71
N ILE A 124 -2.39 -9.90 -6.86
CA ILE A 124 -0.97 -9.69 -6.58
C ILE A 124 -0.71 -10.12 -5.13
N PRO A 125 0.00 -11.22 -4.89
CA PRO A 125 0.21 -11.71 -3.52
C PRO A 125 1.13 -10.77 -2.73
N MET A 126 0.64 -10.32 -1.57
CA MET A 126 1.41 -9.38 -0.75
CA MET A 126 1.37 -9.36 -0.75
C MET A 126 1.39 -9.81 0.70
N ALA A 127 2.57 -9.87 1.29
CA ALA A 127 2.70 -10.13 2.72
C ALA A 127 2.53 -8.81 3.47
N TYR A 128 1.60 -8.78 4.41
CA TYR A 128 1.21 -7.57 5.12
C TYR A 128 1.73 -7.69 6.56
N LEU A 129 2.80 -6.96 6.86
CA LEU A 129 3.48 -7.03 8.14
C LEU A 129 3.24 -5.73 8.90
N VAL A 130 2.52 -5.80 10.02
CA VAL A 130 2.07 -4.62 10.74
C VAL A 130 3.03 -4.36 11.89
N PHE A 131 3.64 -3.17 11.88
CA PHE A 131 4.63 -2.77 12.86
C PHE A 131 4.01 -1.83 13.88
N SER A 132 4.71 -1.65 15.00
CA SER A 132 4.33 -0.65 15.96
C SER A 132 4.31 0.73 15.29
N PRO A 133 3.32 1.60 15.61
CA PRO A 133 2.23 1.40 16.56
C PRO A 133 1.06 0.58 16.00
N GLY A 134 0.96 0.47 14.67
CA GLY A 134 -0.06 -0.32 14.02
C GLY A 134 -1.38 0.39 13.80
N MET A 135 -1.73 1.35 14.66
CA MET A 135 -2.99 2.07 14.58
C MET A 135 -4.19 1.14 14.41
N THR A 136 -5.17 1.57 13.59
CA THR A 136 -6.43 0.84 13.54
C THR A 136 -6.25 -0.56 12.96
N VAL A 137 -5.46 -0.71 11.89
CA VAL A 137 -5.33 -2.04 11.31
C VAL A 137 -4.58 -2.96 12.26
N GLY A 138 -3.61 -2.42 13.00
CA GLY A 138 -2.94 -3.21 14.02
C GLY A 138 -3.91 -3.72 15.07
N ARG A 139 -4.86 -2.88 15.49
CA ARG A 139 -5.85 -3.33 16.47
CA ARG A 139 -5.85 -3.33 16.47
C ARG A 139 -6.83 -4.31 15.86
N VAL A 140 -7.48 -3.92 14.76
CA VAL A 140 -8.53 -4.72 14.15
C VAL A 140 -7.98 -6.04 13.61
N GLY A 141 -6.79 -6.01 13.01
CA GLY A 141 -6.17 -7.21 12.50
C GLY A 141 -5.54 -8.12 13.54
N LYS A 142 -5.61 -7.74 14.82
CA LYS A 142 -5.07 -8.54 15.92
C LYS A 142 -3.60 -8.86 15.73
N ALA A 143 -2.83 -7.85 15.36
CA ALA A 143 -1.41 -8.06 15.09
C ALA A 143 -0.62 -8.24 16.37
N ASN A 144 0.27 -9.23 16.37
CA ASN A 144 1.40 -9.25 17.30
C ASN A 144 2.41 -8.26 16.73
N LEU A 145 2.28 -7.00 17.14
CA LEU A 145 3.00 -5.91 16.49
C LEU A 145 4.51 -6.15 16.49
N ILE A 146 5.11 -6.04 15.32
CA ILE A 146 6.57 -6.06 15.20
C ILE A 146 7.08 -4.68 15.59
N ASP A 147 7.91 -4.63 16.62
CA ASP A 147 8.47 -3.34 17.01
C ASP A 147 9.25 -2.74 15.86
N SER A 148 9.05 -1.43 15.63
CA SER A 148 9.64 -0.77 14.48
C SER A 148 11.15 -0.97 14.41
N PHE A 149 11.79 -1.21 15.55
CA PHE A 149 13.23 -1.37 15.62
C PHE A 149 13.68 -2.81 15.77
N ASP A 150 12.74 -3.77 15.80
CA ASP A 150 13.06 -5.19 15.90
C ASP A 150 13.32 -5.75 14.50
N ARG A 151 14.53 -5.46 14.01
CA ARG A 151 14.85 -5.80 12.62
C ARG A 151 14.99 -7.29 12.40
N GLU A 152 15.32 -8.06 13.44
CA GLU A 152 15.47 -9.51 13.24
C GLU A 152 14.10 -10.19 13.10
N THR A 153 13.11 -9.76 13.87
CA THR A 153 11.76 -10.28 13.68
C THR A 153 11.21 -9.87 12.32
N ALA A 154 11.43 -8.62 11.92
CA ALA A 154 11.07 -8.17 10.59
C ALA A 154 11.69 -9.08 9.53
N LEU A 155 12.97 -9.41 9.69
CA LEU A 155 13.66 -10.25 8.71
C LEU A 155 13.07 -11.66 8.69
N SER A 156 12.77 -12.23 9.86
CA SER A 156 12.20 -13.57 9.89
C SER A 156 10.87 -13.61 9.16
N TYR A 157 10.00 -12.64 9.42
CA TYR A 157 8.71 -12.60 8.72
C TYR A 157 8.90 -12.35 7.23
N SER A 158 9.83 -11.48 6.85
CA SER A 158 10.01 -11.16 5.44
C SER A 158 10.56 -12.35 4.67
N LEU A 159 11.52 -13.07 5.25
CA LEU A 159 12.05 -14.27 4.60
C LEU A 159 11.00 -15.36 4.51
N ALA A 160 10.20 -15.53 5.57
CA ALA A 160 9.12 -16.51 5.51
C ALA A 160 8.15 -16.17 4.39
N ALA A 161 7.81 -14.87 4.26
CA ALA A 161 6.93 -14.44 3.18
C ALA A 161 7.52 -14.78 1.83
N GLN A 162 8.81 -14.48 1.64
CA GLN A 162 9.48 -14.80 0.38
C GLN A 162 9.42 -16.30 0.10
N TYR A 163 9.68 -17.12 1.11
CA TYR A 163 9.70 -18.56 0.93
C TYR A 163 8.30 -19.15 0.78
N MET A 164 7.25 -18.41 1.14
CA MET A 164 5.89 -18.83 0.86
C MET A 164 5.42 -18.41 -0.53
N GLY A 165 6.19 -17.61 -1.26
CA GLY A 165 5.84 -17.23 -2.61
C GLY A 165 5.25 -15.85 -2.77
N PHE A 166 5.12 -15.07 -1.70
CA PHE A 166 4.60 -13.73 -1.85
C PHE A 166 5.49 -12.92 -2.79
N LYS A 167 4.86 -12.03 -3.56
CA LYS A 167 5.57 -11.25 -4.55
C LYS A 167 5.98 -9.87 -4.05
N LEU A 168 5.33 -9.39 -2.99
CA LEU A 168 5.59 -8.08 -2.42
C LEU A 168 5.51 -8.20 -0.90
N ILE A 169 6.33 -7.41 -0.22
CA ILE A 169 6.29 -7.28 1.23
C ILE A 169 5.91 -5.84 1.56
N TYR A 170 4.94 -5.69 2.46
CA TYR A 170 4.42 -4.37 2.84
C TYR A 170 4.70 -4.19 4.33
N PHE A 171 5.58 -3.23 4.66
CA PHE A 171 5.83 -2.83 6.04
C PHE A 171 4.80 -1.79 6.43
N GLU A 172 3.89 -2.15 7.33
CA GLU A 172 2.74 -1.32 7.67
C GLU A 172 2.92 -0.75 9.08
N ALA A 173 3.07 0.56 9.18
CA ALA A 173 3.09 1.22 10.49
C ALA A 173 1.69 1.59 10.98
N GLY A 174 0.69 1.56 10.10
CA GLY A 174 -0.66 1.95 10.42
C GLY A 174 -0.97 3.33 9.88
N SER A 175 -2.21 3.52 9.42
CA SER A 175 -2.61 4.79 8.86
C SER A 175 -2.71 5.82 9.97
N GLY A 176 -1.91 6.89 9.86
CA GLY A 176 -1.85 7.91 10.89
C GLY A 176 -0.70 7.75 11.87
N ALA A 177 0.16 6.76 11.67
CA ALA A 177 1.28 6.56 12.57
C ALA A 177 2.14 7.81 12.63
N PRO A 178 2.61 8.21 13.81
CA PRO A 178 3.49 9.38 13.90
C PRO A 178 4.77 9.25 13.10
N ARG A 179 5.37 8.06 13.06
CA ARG A 179 6.60 7.83 12.33
C ARG A 179 6.53 6.50 11.60
N PRO A 180 7.22 6.36 10.47
CA PRO A 180 7.22 5.09 9.74
C PRO A 180 8.16 4.08 10.40
N VAL A 181 8.21 2.89 9.83
CA VAL A 181 9.10 1.85 10.32
C VAL A 181 10.56 2.31 10.23
N SER A 182 11.36 1.87 11.19
CA SER A 182 12.75 2.29 11.29
C SER A 182 13.52 2.14 9.99
N GLU A 183 14.41 3.09 9.73
CA GLU A 183 15.32 2.99 8.58
C GLU A 183 16.27 1.82 8.74
N ASP A 184 16.71 1.54 9.97
CA ASP A 184 17.62 0.44 10.20
C ASP A 184 16.97 -0.90 9.89
N THR A 185 15.73 -1.09 10.35
CA THR A 185 14.98 -2.31 10.02
C THR A 185 14.83 -2.46 8.50
N ILE A 186 14.47 -1.36 7.83
CA ILE A 186 14.25 -1.40 6.38
C ILE A 186 15.54 -1.80 5.66
N SER A 187 16.66 -1.14 5.99
CA SER A 187 17.92 -1.45 5.31
CA SER A 187 17.92 -1.45 5.31
CA SER A 187 17.92 -1.46 5.32
C SER A 187 18.36 -2.89 5.61
N TYR A 188 18.24 -3.31 6.87
CA TYR A 188 18.64 -4.65 7.26
C TYR A 188 17.88 -5.71 6.49
N VAL A 189 16.55 -5.56 6.39
CA VAL A 189 15.75 -6.56 5.70
C VAL A 189 16.00 -6.49 4.20
N LYS A 190 16.03 -5.28 3.63
CA LYS A 190 16.20 -5.15 2.20
C LYS A 190 17.48 -5.81 1.72
N SER A 191 18.55 -5.72 2.53
CA SER A 191 19.80 -6.35 2.11
C SER A 191 19.73 -7.87 2.01
N LYS A 192 18.65 -8.50 2.48
CA LYS A 192 18.61 -9.96 2.60
C LYS A 192 17.46 -10.63 1.87
N ILE A 193 16.55 -9.87 1.27
CA ILE A 193 15.42 -10.45 0.53
C ILE A 193 15.60 -10.12 -0.95
N ASN A 194 14.84 -10.83 -1.79
CA ASN A 194 14.91 -10.59 -3.23
C ASN A 194 13.55 -10.27 -3.85
N ILE A 195 12.59 -9.84 -3.06
CA ILE A 195 11.32 -9.34 -3.58
C ILE A 195 11.17 -7.90 -3.12
N PRO A 196 10.34 -7.10 -3.81
CA PRO A 196 10.24 -5.67 -3.47
C PRO A 196 9.68 -5.45 -2.08
N LEU A 197 10.13 -4.35 -1.47
CA LEU A 197 9.71 -3.93 -0.14
C LEU A 197 8.92 -2.64 -0.27
N ILE A 198 7.67 -2.64 0.21
CA ILE A 198 6.82 -1.46 0.22
C ILE A 198 6.69 -0.98 1.67
N VAL A 199 6.76 0.33 1.87
CA VAL A 199 6.64 0.92 3.20
C VAL A 199 5.51 1.94 3.18
N GLY A 200 4.60 1.81 4.15
CA GLY A 200 3.49 2.74 4.26
C GLY A 200 3.16 2.99 5.72
N GLY A 201 2.58 4.17 5.96
CA GLY A 201 2.29 4.57 7.32
C GLY A 201 3.30 5.56 7.86
N GLY A 202 2.85 6.77 8.18
CA GLY A 202 3.72 7.76 8.78
C GLY A 202 4.59 8.55 7.82
N ILE A 203 4.30 8.52 6.52
CA ILE A 203 5.09 9.23 5.52
C ILE A 203 4.22 10.35 4.98
N ARG A 204 4.46 11.58 5.46
CA ARG A 204 3.63 12.72 5.10
C ARG A 204 4.42 13.94 4.65
N ASP A 205 5.74 13.84 4.50
CA ASP A 205 6.53 14.99 4.06
C ASP A 205 7.68 14.49 3.19
N PRO A 206 8.27 15.37 2.36
CA PRO A 206 9.33 14.92 1.45
C PRO A 206 10.56 14.36 2.15
N GLU A 207 10.95 14.91 3.30
CA GLU A 207 12.16 14.42 3.96
C GLU A 207 11.96 13.01 4.49
N THR A 208 10.79 12.71 5.05
CA THR A 208 10.50 11.35 5.51
C THR A 208 10.48 10.37 4.35
N ALA A 209 9.81 10.74 3.25
CA ALA A 209 9.78 9.87 2.09
C ALA A 209 11.18 9.62 1.55
N MET A 210 12.02 10.66 1.55
CA MET A 210 13.37 10.52 1.04
C MET A 210 14.19 9.57 1.92
N ARG A 211 14.13 9.74 3.23
CA ARG A 211 14.92 8.87 4.09
C ARG A 211 14.41 7.43 4.05
N ILE A 212 13.11 7.22 3.90
CA ILE A 212 12.60 5.86 3.83
C ILE A 212 13.01 5.21 2.51
N ALA A 213 12.91 5.94 1.40
CA ALA A 213 13.32 5.38 0.12
C ALA A 213 14.81 5.09 0.10
N LEU A 214 15.63 5.99 0.68
CA LEU A 214 17.07 5.76 0.71
C LEU A 214 17.44 4.60 1.61
N ALA A 215 16.69 4.39 2.70
CA ALA A 215 16.97 3.26 3.57
C ALA A 215 16.79 1.93 2.87
N GLY A 216 15.93 1.86 1.85
CA GLY A 216 15.82 0.64 1.10
C GLY A 216 14.43 0.26 0.65
N ALA A 217 13.43 1.10 0.94
CA ALA A 217 12.10 0.84 0.44
C ALA A 217 12.08 0.97 -1.08
N ASP A 218 11.47 -0.01 -1.75
CA ASP A 218 11.34 0.05 -3.20
C ASP A 218 10.15 0.91 -3.62
N MET A 219 9.07 0.89 -2.85
CA MET A 219 7.90 1.71 -3.10
C MET A 219 7.46 2.37 -1.81
N ILE A 220 6.92 3.57 -1.94
CA ILE A 220 6.39 4.36 -0.83
C ILE A 220 4.89 4.52 -1.05
N VAL A 221 4.11 4.33 0.01
CA VAL A 221 2.67 4.61 -0.03
C VAL A 221 2.38 5.76 0.91
N THR A 222 1.68 6.78 0.39
CA THR A 222 1.17 7.88 1.19
C THR A 222 -0.30 8.08 0.85
N GLY A 223 -1.00 8.81 1.73
CA GLY A 223 -2.28 9.37 1.38
C GLY A 223 -2.11 10.62 0.53
N SER A 224 -3.22 11.33 0.35
CA SER A 224 -3.14 12.59 -0.38
C SER A 224 -2.59 13.72 0.48
N ILE A 225 -2.56 13.53 1.80
CA ILE A 225 -1.86 14.38 2.76
C ILE A 225 -2.54 15.73 2.94
N ALA A 226 -2.75 16.46 1.86
CA ALA A 226 -3.30 17.81 1.97
C ALA A 226 -4.78 17.77 2.36
N GLU A 227 -5.17 18.70 3.23
CA GLU A 227 -6.57 18.78 3.65
C GLU A 227 -7.47 19.16 2.47
N LYS A 228 -7.05 20.15 1.69
CA LYS A 228 -7.83 20.64 0.56
C LYS A 228 -7.32 20.03 -0.74
N SER A 229 -8.25 19.67 -1.63
CA SER A 229 -7.88 19.02 -2.87
C SER A 229 -6.96 19.91 -3.71
N ASN A 230 -7.23 21.21 -3.73
CA ASN A 230 -6.44 22.13 -4.54
CA ASN A 230 -6.44 22.15 -4.52
C ASN A 230 -4.98 22.23 -4.09
N ASN A 231 -4.62 21.60 -2.97
CA ASN A 231 -3.24 21.58 -2.51
C ASN A 231 -2.59 20.21 -2.65
N VAL A 232 -3.31 19.20 -3.13
CA VAL A 232 -2.76 17.85 -3.19
C VAL A 232 -1.56 17.80 -4.14
N TYR A 233 -1.73 18.34 -5.35
CA TYR A 233 -0.68 18.32 -6.35
C TYR A 233 0.66 18.79 -5.78
N SER A 234 0.71 20.04 -5.34
CA SER A 234 1.97 20.58 -4.83
CA SER A 234 1.97 20.58 -4.83
C SER A 234 2.54 19.72 -3.72
N VAL A 235 1.68 19.18 -2.84
CA VAL A 235 2.20 18.39 -1.73
C VAL A 235 2.78 17.07 -2.25
N LEU A 236 2.11 16.45 -3.21
CA LEU A 236 2.59 15.15 -3.65
C LEU A 236 3.78 15.30 -4.58
N ARG A 237 3.76 16.31 -5.46
CA ARG A 237 4.90 16.57 -6.32
C ARG A 237 6.20 16.62 -5.52
N ASN A 238 6.25 17.49 -4.50
CA ASN A 238 7.44 17.63 -3.68
C ASN A 238 7.93 16.29 -3.15
N ILE A 239 7.02 15.41 -2.76
CA ILE A 239 7.43 14.10 -2.29
C ILE A 239 7.90 13.25 -3.46
N ILE A 240 7.09 13.14 -4.50
CA ILE A 240 7.37 12.19 -5.57
C ILE A 240 8.65 12.58 -6.28
N GLY A 241 8.75 13.85 -6.69
CA GLY A 241 9.98 14.35 -7.29
C GLY A 241 11.22 13.98 -6.51
N LYS A 242 11.14 14.03 -5.17
CA LYS A 242 12.30 13.69 -4.37
C LYS A 242 12.65 12.22 -4.50
N ILE A 243 11.68 11.34 -4.28
CA ILE A 243 12.03 9.91 -4.25
C ILE A 243 12.39 9.43 -5.64
N LYS A 244 11.81 10.06 -6.67
CA LYS A 244 12.16 9.66 -8.03
C LYS A 244 13.47 10.26 -8.50
N SER A 245 14.13 11.07 -7.65
CA SER A 245 15.46 11.57 -7.97
C SER A 245 16.57 10.61 -7.58
N ILE A 246 16.25 9.50 -6.91
CA ILE A 246 17.26 8.57 -6.42
C ILE A 246 17.71 7.67 -7.57
N GLU A 247 19.02 7.62 -7.79
CA GLU A 247 19.59 6.75 -8.81
C GLU A 247 19.56 5.30 -8.33
N ILE A 248 19.08 4.41 -9.19
CA ILE A 248 18.91 3.00 -8.84
C ILE A 248 20.12 2.23 -9.35
N LYS A 249 20.81 1.54 -8.46
CA LYS A 249 21.93 0.70 -8.84
C LYS A 249 21.45 -0.54 -9.58
#